data_3R34
#
_entry.id   3R34
#
_cell.length_a   112.700
_cell.length_b   112.700
_cell.length_c   59.900
_cell.angle_alpha   90.00
_cell.angle_beta   90.00
_cell.angle_gamma   120.00
#
_symmetry.space_group_name_H-M   'P 32 2 1'
#
loop_
_entity.id
_entity.type
_entity.pdbx_description
1 polymer '4-hydroxybenzoyl-CoA thioesterase'
2 non-polymer 'COENZYME A'
3 non-polymer 1,2-ETHANEDIOL
4 water water
#
_entity_poly.entity_id   1
_entity_poly.type   'polypeptide(L)'
_entity_poly.pdbx_seq_one_letter_code
;MHRTSNGSHATGGNLPDVASHYPVAYEQTLDGTVGFVIDEMTPERATASVEVTDTLRQRWGLVHGGAYCALADMLATEAT
VAVVHEKGMMAVGQSNHTSFFRPVKEGHVRAEAVRIHAGSTTWFWDVSLRDDAGRLCAVSSMSIAVRPRRD
;
_entity_poly.pdbx_strand_id   A,B
#
# COMPACT_ATOMS: atom_id res chain seq x y z
N THR A 11 -16.02 -12.00 11.18
CA THR A 11 -16.19 -10.56 10.84
C THR A 11 -16.36 -10.37 9.32
N GLY A 12 -16.65 -9.15 8.87
CA GLY A 12 -16.51 -8.87 7.44
C GLY A 12 -15.02 -9.06 7.16
N GLY A 13 -14.77 -9.67 5.99
CA GLY A 13 -13.43 -10.02 5.51
C GLY A 13 -12.82 -11.16 6.32
N ASN A 14 -13.58 -11.63 7.31
CA ASN A 14 -13.08 -12.62 8.28
C ASN A 14 -11.90 -12.10 9.11
N LEU A 15 -11.81 -10.78 9.33
CA LEU A 15 -10.82 -10.25 10.25
C LEU A 15 -11.08 -10.75 11.68
N PRO A 16 -10.04 -10.83 12.51
CA PRO A 16 -10.27 -11.46 13.82
C PRO A 16 -11.30 -10.75 14.69
N ASP A 17 -12.19 -11.50 15.33
CA ASP A 17 -13.20 -10.77 16.09
C ASP A 17 -12.80 -10.60 17.54
N VAL A 18 -12.20 -9.45 17.83
CA VAL A 18 -11.53 -9.23 19.10
C VAL A 18 -12.25 -8.13 19.87
N ALA A 19 -13.24 -7.48 19.25
CA ALA A 19 -13.98 -6.44 19.96
C ALA A 19 -15.48 -6.53 19.64
N SER A 20 -16.32 -5.94 20.50
CA SER A 20 -17.76 -5.99 20.30
C SER A 20 -18.19 -5.05 19.16
N HIS A 21 -17.38 -4.02 18.89
CA HIS A 21 -17.71 -3.08 17.84
C HIS A 21 -16.45 -2.40 17.29
N TYR A 22 -16.52 -1.94 16.05
CA TYR A 22 -15.37 -1.37 15.35
C TYR A 22 -15.69 0.01 14.79
N PRO A 23 -14.69 0.89 14.75
CA PRO A 23 -14.97 2.23 14.24
C PRO A 23 -15.54 2.23 12.82
N VAL A 24 -15.07 1.37 11.92
CA VAL A 24 -15.53 1.40 10.53
C VAL A 24 -15.88 0.00 10.10
N ALA A 25 -17.03 -0.16 9.47
CA ALA A 25 -17.50 -1.46 9.02
C ALA A 25 -16.66 -1.97 7.87
N TYR A 26 -16.60 -3.29 7.74
CA TYR A 26 -15.75 -3.91 6.73
C TYR A 26 -16.00 -3.37 5.33
N GLU A 27 -17.26 -3.27 4.91
CA GLU A 27 -17.51 -2.98 3.50
C GLU A 27 -17.11 -1.55 3.23
N GLN A 28 -16.97 -0.73 4.26
CA GLN A 28 -16.63 0.68 4.00
C GLN A 28 -15.12 0.99 4.08
N THR A 29 -14.36 0.07 4.66
CA THR A 29 -12.90 0.26 4.73
C THR A 29 -12.19 0.06 3.38
N LEU A 30 -10.93 0.50 3.24
CA LEU A 30 -10.12 0.05 2.10
C LEU A 30 -10.21 -1.46 1.84
N ASP A 31 -10.02 -2.24 2.89
CA ASP A 31 -9.98 -3.70 2.71
C ASP A 31 -11.28 -4.20 2.11
N GLY A 32 -12.39 -3.79 2.70
CA GLY A 32 -13.74 -4.02 2.14
C GLY A 32 -13.90 -3.58 0.69
N THR A 33 -13.46 -2.37 0.38
CA THR A 33 -13.64 -1.85 -0.96
C THR A 33 -12.86 -2.65 -2.01
N VAL A 34 -11.65 -3.13 -1.72
CA VAL A 34 -10.89 -3.85 -2.72
C VAL A 34 -11.17 -5.35 -2.64
N GLY A 35 -11.76 -5.82 -1.55
CA GLY A 35 -12.14 -7.25 -1.47
C GLY A 35 -11.13 -8.17 -0.77
N PHE A 36 -10.31 -7.64 0.12
CA PHE A 36 -9.41 -8.53 0.88
C PHE A 36 -10.20 -9.45 1.83
N VAL A 37 -9.83 -10.72 1.83
CA VAL A 37 -10.42 -11.74 2.69
C VAL A 37 -9.37 -12.64 3.35
N ILE A 38 -9.45 -12.74 4.68
CA ILE A 38 -8.56 -13.60 5.46
C ILE A 38 -9.09 -15.03 5.42
N ASP A 39 -8.21 -15.96 5.07
CA ASP A 39 -8.55 -17.38 5.10
C ASP A 39 -8.08 -17.99 6.41
N GLU A 40 -6.80 -18.34 6.57
CA GLU A 40 -6.37 -18.91 7.85
C GLU A 40 -5.75 -17.86 8.76
N MET A 41 -5.94 -17.97 10.08
CA MET A 41 -5.16 -17.16 11.01
C MET A 41 -4.81 -17.98 12.25
N THR A 42 -3.51 -18.08 12.53
CA THR A 42 -2.96 -18.59 13.79
C THR A 42 -1.88 -17.64 14.32
N PRO A 43 -1.40 -17.89 15.54
CA PRO A 43 -0.46 -16.91 16.08
C PRO A 43 0.83 -16.85 15.27
N GLU A 44 1.19 -17.91 14.58
CA GLU A 44 2.40 -17.85 13.76
C GLU A 44 2.26 -17.77 12.25
N ARG A 45 1.05 -17.83 11.73
CA ARG A 45 0.92 -17.85 10.29
C ARG A 45 -0.49 -17.39 9.93
N ALA A 46 -0.67 -16.65 8.85
CA ALA A 46 -2.02 -16.24 8.44
C ALA A 46 -2.01 -16.14 6.93
N THR A 47 -3.17 -16.30 6.30
CA THR A 47 -3.28 -16.23 4.85
C THR A 47 -4.52 -15.40 4.52
N ALA A 48 -4.53 -14.79 3.33
CA ALA A 48 -5.63 -13.93 2.88
C ALA A 48 -5.51 -13.88 1.36
N SER A 49 -6.58 -13.49 0.68
CA SER A 49 -6.47 -13.32 -0.77
C SER A 49 -7.44 -12.26 -1.26
N VAL A 50 -7.39 -12.01 -2.57
CA VAL A 50 -8.18 -10.95 -3.14
C VAL A 50 -8.30 -11.23 -4.62
N GLU A 51 -9.52 -11.11 -5.13
CA GLU A 51 -9.72 -11.29 -6.54
C GLU A 51 -9.33 -10.01 -7.28
N VAL A 52 -8.56 -10.11 -8.35
CA VAL A 52 -8.08 -8.88 -8.99
C VAL A 52 -9.27 -8.27 -9.77
N THR A 53 -9.56 -6.97 -9.61
CA THR A 53 -10.56 -6.34 -10.45
C THR A 53 -9.90 -4.99 -10.74
N ASP A 54 -10.54 -4.12 -11.51
CA ASP A 54 -9.88 -2.82 -11.76
C ASP A 54 -9.60 -1.98 -10.50
N THR A 55 -10.43 -2.13 -9.47
CA THR A 55 -10.31 -1.40 -8.20
C THR A 55 -8.93 -1.66 -7.55
N LEU A 56 -8.36 -2.81 -7.89
CA LEU A 56 -7.02 -3.21 -7.43
C LEU A 56 -5.89 -2.77 -8.33
N ARG A 57 -6.17 -2.20 -9.51
CA ARG A 57 -5.14 -2.01 -10.54
C ARG A 57 -4.74 -0.54 -10.59
N GLN A 58 -3.60 -0.26 -11.19
CA GLN A 58 -3.24 1.11 -11.60
C GLN A 58 -3.69 1.28 -13.06
N ARG A 59 -3.44 2.46 -13.62
CA ARG A 59 -4.01 2.79 -14.94
C ARG A 59 -3.43 1.94 -16.08
N TRP A 60 -2.28 1.29 -15.81
CA TRP A 60 -1.60 0.59 -16.86
C TRP A 60 -2.04 -0.85 -16.85
N GLY A 61 -2.98 -1.16 -15.98
CA GLY A 61 -3.66 -2.48 -16.08
C GLY A 61 -3.09 -3.55 -15.17
N LEU A 62 -2.06 -3.22 -14.38
CA LEU A 62 -1.42 -4.20 -13.46
C LEU A 62 -1.87 -3.98 -12.01
N VAL A 63 -1.86 -5.02 -11.16
CA VAL A 63 -2.16 -4.79 -9.76
C VAL A 63 -1.24 -3.66 -9.23
N HIS A 64 -1.87 -2.75 -8.51
CA HIS A 64 -1.22 -1.49 -8.03
C HIS A 64 -0.13 -1.86 -6.99
N GLY A 65 1.00 -1.18 -6.94
CA GLY A 65 2.01 -1.59 -5.95
C GLY A 65 1.43 -1.45 -4.56
N GLY A 66 0.56 -0.46 -4.38
CA GLY A 66 -0.03 -0.20 -3.08
C GLY A 66 -0.93 -1.35 -2.64
N ALA A 67 -1.45 -2.12 -3.59
CA ALA A 67 -2.41 -3.18 -3.23
C ALA A 67 -1.64 -4.31 -2.53
N TYR A 68 -0.47 -4.65 -3.06
CA TYR A 68 0.33 -5.69 -2.38
C TYR A 68 0.71 -5.14 -1.01
N CYS A 69 1.14 -3.87 -0.92
CA CYS A 69 1.53 -3.38 0.39
C CYS A 69 0.34 -3.50 1.34
N ALA A 70 -0.90 -3.25 0.87
CA ALA A 70 -2.00 -3.05 1.80
C ALA A 70 -2.40 -4.44 2.27
N LEU A 71 -2.29 -5.39 1.37
CA LEU A 71 -2.79 -6.73 1.76
C LEU A 71 -1.83 -7.30 2.82
N ALA A 72 -0.54 -7.21 2.54
CA ALA A 72 0.48 -7.54 3.54
C ALA A 72 0.27 -6.82 4.87
N ASP A 73 0.10 -5.49 4.82
CA ASP A 73 -0.06 -4.70 6.02
C ASP A 73 -1.26 -5.16 6.87
N MET A 74 -2.44 -5.30 6.25
CA MET A 74 -3.63 -5.73 6.97
C MET A 74 -3.38 -7.12 7.53
N LEU A 75 -2.82 -8.02 6.73
CA LEU A 75 -2.74 -9.41 7.21
C LEU A 75 -1.77 -9.57 8.40
N ALA A 76 -0.59 -8.92 8.33
CA ALA A 76 0.38 -8.97 9.42
C ALA A 76 -0.11 -8.22 10.64
N THR A 77 -0.64 -7.01 10.42
CA THR A 77 -1.24 -6.31 11.52
C THR A 77 -2.33 -7.06 12.27
N GLU A 78 -3.31 -7.54 11.50
CA GLU A 78 -4.42 -8.24 12.12
C GLU A 78 -4.02 -9.57 12.76
N ALA A 79 -3.07 -10.29 12.17
CA ALA A 79 -2.53 -11.53 12.77
C ALA A 79 -1.91 -11.26 14.14
N THR A 80 -1.35 -10.07 14.31
CA THR A 80 -0.84 -9.62 15.60
C THR A 80 -1.97 -9.21 16.56
N VAL A 81 -2.91 -8.43 16.03
CA VAL A 81 -4.08 -8.02 16.80
C VAL A 81 -4.77 -9.30 17.31
N ALA A 82 -4.84 -10.33 16.49
CA ALA A 82 -5.57 -11.51 16.96
C ALA A 82 -4.99 -12.03 18.28
N VAL A 83 -3.69 -11.86 18.50
CA VAL A 83 -3.07 -12.39 19.69
C VAL A 83 -3.05 -11.36 20.81
N VAL A 84 -2.66 -10.13 20.49
CA VAL A 84 -2.38 -9.17 21.54
C VAL A 84 -3.55 -8.35 22.06
N HIS A 85 -4.67 -8.29 21.34
CA HIS A 85 -5.75 -7.36 21.72
C HIS A 85 -6.29 -7.68 23.11
N GLU A 86 -6.52 -8.97 23.31
CA GLU A 86 -7.12 -9.50 24.52
C GLU A 86 -6.07 -9.47 25.64
N LYS A 87 -4.84 -9.08 25.32
CA LYS A 87 -3.91 -8.80 26.40
C LYS A 87 -3.79 -7.32 26.67
N GLY A 88 -4.73 -6.51 26.17
CA GLY A 88 -4.64 -5.08 26.45
C GLY A 88 -3.63 -4.25 25.67
N MET A 89 -3.05 -4.81 24.60
CA MET A 89 -2.10 -4.13 23.71
C MET A 89 -2.75 -3.62 22.43
N MET A 90 -2.23 -2.54 21.86
CA MET A 90 -2.59 -2.28 20.47
C MET A 90 -1.40 -2.63 19.59
N ALA A 91 -1.71 -3.01 18.35
CA ALA A 91 -0.71 -3.41 17.35
C ALA A 91 -0.95 -2.58 16.11
N VAL A 92 0.08 -1.95 15.59
CA VAL A 92 -0.02 -1.13 14.41
C VAL A 92 1.30 -1.20 13.62
N GLY A 93 1.24 -1.20 12.29
CA GLY A 93 2.46 -1.39 11.47
C GLY A 93 3.40 -0.22 11.72
N GLN A 94 4.69 -0.46 11.94
CA GLN A 94 5.63 0.67 11.96
C GLN A 94 6.52 0.71 10.72
N SER A 95 6.67 -0.40 10.01
CA SER A 95 7.45 -0.41 8.76
C SER A 95 6.87 -1.49 7.85
N ASN A 96 6.80 -1.17 6.56
CA ASN A 96 6.30 -2.10 5.53
C ASN A 96 7.27 -1.91 4.37
N HIS A 97 8.05 -2.96 4.15
CA HIS A 97 9.01 -2.94 3.06
C HIS A 97 8.59 -3.98 2.06
N THR A 98 8.06 -3.52 0.92
CA THR A 98 7.56 -4.50 -0.07
C THR A 98 8.45 -4.39 -1.30
N SER A 99 8.84 -5.57 -1.79
CA SER A 99 9.66 -5.65 -2.97
C SER A 99 8.93 -6.43 -4.06
N PHE A 100 9.08 -5.94 -5.29
CA PHE A 100 8.19 -6.37 -6.40
C PHE A 100 8.98 -7.14 -7.47
N PHE A 101 8.65 -8.42 -7.66
CA PHE A 101 9.43 -9.28 -8.55
C PHE A 101 8.79 -9.56 -9.93
N ARG A 102 7.47 -9.71 -9.92
CA ARG A 102 6.69 -10.08 -11.12
C ARG A 102 5.31 -9.43 -10.98
N PRO A 103 4.77 -8.84 -12.05
CA PRO A 103 3.47 -8.20 -11.88
C PRO A 103 2.32 -9.17 -11.98
N VAL A 104 1.13 -8.71 -11.64
CA VAL A 104 -0.07 -9.54 -11.79
C VAL A 104 -1.05 -8.68 -12.59
N LYS A 105 -1.64 -9.31 -13.61
CA LYS A 105 -2.59 -8.61 -14.46
C LYS A 105 -3.98 -9.00 -14.07
N GLU A 106 -4.21 -10.27 -13.72
CA GLU A 106 -5.57 -10.67 -13.41
C GLU A 106 -5.53 -11.97 -12.60
N GLY A 107 -6.68 -12.41 -12.08
CA GLY A 107 -6.78 -13.66 -11.33
C GLY A 107 -6.97 -13.23 -9.87
N HIS A 108 -6.09 -13.70 -8.99
CA HIS A 108 -6.06 -13.42 -7.54
C HIS A 108 -4.64 -13.03 -7.09
N VAL A 109 -4.52 -12.33 -5.96
CA VAL A 109 -3.25 -12.27 -5.24
C VAL A 109 -3.50 -12.97 -3.92
N ARG A 110 -2.59 -13.90 -3.58
CA ARG A 110 -2.70 -14.70 -2.38
C ARG A 110 -1.50 -14.42 -1.48
N ALA A 111 -1.79 -14.13 -0.23
CA ALA A 111 -0.73 -13.69 0.68
C ALA A 111 -0.59 -14.69 1.81
N GLU A 112 0.65 -15.01 2.14
CA GLU A 112 0.91 -15.79 3.33
C GLU A 112 1.93 -15.09 4.22
N ALA A 113 1.50 -14.78 5.44
CA ALA A 113 2.26 -14.10 6.49
C ALA A 113 2.83 -15.17 7.44
N VAL A 114 4.16 -15.20 7.57
CA VAL A 114 4.82 -16.09 8.52
C VAL A 114 5.53 -15.28 9.61
N ARG A 115 5.17 -15.57 10.86
CA ARG A 115 5.77 -14.83 11.96
C ARG A 115 7.22 -15.19 12.18
N ILE A 116 8.14 -14.22 12.20
CA ILE A 116 9.51 -14.63 12.41
C ILE A 116 10.10 -14.13 13.70
N HIS A 117 9.47 -13.12 14.28
CA HIS A 117 9.94 -12.65 15.57
C HIS A 117 8.73 -12.10 16.32
N ALA A 118 8.61 -12.43 17.61
CA ALA A 118 7.52 -11.95 18.44
C ALA A 118 8.16 -11.33 19.67
N GLY A 119 8.55 -10.05 19.60
CA GLY A 119 9.21 -9.48 20.76
C GLY A 119 8.16 -8.81 21.64
N SER A 120 8.58 -8.14 22.71
CA SER A 120 7.58 -7.48 23.54
C SER A 120 7.04 -6.19 22.94
N THR A 121 7.85 -5.50 22.14
CA THR A 121 7.44 -4.26 21.51
C THR A 121 7.24 -4.34 19.99
N THR A 122 7.78 -5.38 19.35
CA THR A 122 7.77 -5.49 17.88
C THR A 122 7.56 -6.95 17.46
N TRP A 123 6.59 -7.25 16.60
CA TRP A 123 6.51 -8.55 15.96
C TRP A 123 6.89 -8.34 14.49
N PHE A 124 7.49 -9.34 13.88
CA PHE A 124 7.93 -9.17 12.51
C PHE A 124 7.39 -10.32 11.70
N TRP A 125 6.78 -10.01 10.54
CA TRP A 125 6.17 -11.04 9.71
C TRP A 125 6.74 -10.93 8.30
N ASP A 126 7.07 -12.08 7.70
CA ASP A 126 7.47 -12.11 6.30
C ASP A 126 6.24 -12.49 5.51
N VAL A 127 5.88 -11.71 4.50
CA VAL A 127 4.64 -11.99 3.78
C VAL A 127 5.03 -12.20 2.33
N SER A 128 4.60 -13.35 1.79
CA SER A 128 4.78 -13.63 0.38
C SER A 128 3.44 -13.44 -0.33
N LEU A 129 3.48 -12.86 -1.54
CA LEU A 129 2.30 -12.53 -2.35
C LEU A 129 2.47 -13.23 -3.68
N ARG A 130 1.58 -14.20 -3.92
CA ARG A 130 1.69 -15.11 -5.05
C ARG A 130 0.48 -14.95 -6.01
N ASP A 131 0.71 -15.29 -7.29
CA ASP A 131 -0.31 -15.25 -8.31
C ASP A 131 -0.94 -16.65 -8.36
N ASP A 132 -1.90 -16.83 -9.27
CA ASP A 132 -2.74 -18.03 -9.31
C ASP A 132 -1.92 -19.23 -9.77
N ALA A 133 -0.78 -19.01 -10.41
CA ALA A 133 0.12 -20.09 -10.81
C ALA A 133 1.08 -20.45 -9.67
N GLY A 134 0.92 -19.81 -8.51
CA GLY A 134 1.86 -20.06 -7.44
C GLY A 134 3.16 -19.27 -7.47
N ARG A 135 3.40 -18.44 -8.48
CA ARG A 135 4.67 -17.71 -8.57
C ARG A 135 4.74 -16.56 -7.57
N LEU A 136 5.95 -16.26 -7.12
CA LEU A 136 6.14 -15.35 -5.98
C LEU A 136 6.18 -14.00 -6.71
N CYS A 137 5.16 -13.16 -6.56
CA CYS A 137 5.17 -11.89 -7.32
C CYS A 137 5.72 -10.74 -6.50
N ALA A 138 5.49 -10.77 -5.18
CA ALA A 138 6.06 -9.71 -4.33
C ALA A 138 6.29 -10.29 -2.93
N VAL A 139 7.10 -9.61 -2.11
CA VAL A 139 7.22 -9.97 -0.71
C VAL A 139 7.16 -8.71 0.10
N SER A 140 6.67 -8.84 1.33
CA SER A 140 6.68 -7.66 2.20
C SER A 140 7.26 -8.05 3.56
N SER A 141 8.24 -7.27 4.01
CA SER A 141 8.62 -7.41 5.43
C SER A 141 7.83 -6.44 6.32
N MET A 142 7.00 -7.02 7.19
CA MET A 142 6.09 -6.21 8.01
C MET A 142 6.58 -6.15 9.47
N SER A 143 6.91 -4.96 9.94
CA SER A 143 7.28 -4.80 11.31
C SER A 143 6.11 -4.13 12.03
N ILE A 144 5.58 -4.79 13.06
CA ILE A 144 4.38 -4.34 13.76
C ILE A 144 4.73 -3.93 15.18
N ALA A 145 4.58 -2.65 15.49
CA ALA A 145 4.69 -2.16 16.87
C ALA A 145 3.56 -2.68 17.76
N VAL A 146 3.94 -3.10 18.96
CA VAL A 146 2.97 -3.55 19.95
C VAL A 146 3.15 -2.69 21.20
N ARG A 147 2.05 -2.08 21.66
CA ARG A 147 2.10 -1.08 22.71
C ARG A 147 0.85 -1.24 23.61
N PRO A 148 0.96 -0.85 24.89
CA PRO A 148 -0.24 -1.04 25.72
C PRO A 148 -1.37 -0.12 25.26
N ARG A 149 -2.62 -0.57 25.24
CA ARG A 149 -3.69 0.33 24.76
C ARG A 149 -3.86 1.51 25.71
N ARG A 150 -4.06 2.71 25.17
CA ARG A 150 -4.07 3.90 26.03
C ARG A 150 -5.44 4.27 26.61
N ASP A 151 -6.50 3.70 26.04
CA ASP A 151 -7.84 3.93 26.58
C ASP A 151 -8.60 2.62 26.83
N GLY B 12 -7.21 13.99 -14.71
CA GLY B 12 -7.53 12.52 -14.61
C GLY B 12 -6.65 11.80 -13.59
N GLY B 13 -7.06 12.10 -12.33
CA GLY B 13 -6.22 12.31 -11.13
C GLY B 13 -5.08 13.28 -11.40
N ASN B 14 -5.16 13.93 -12.56
CA ASN B 14 -4.04 14.70 -13.08
C ASN B 14 -2.75 13.88 -13.27
N LEU B 15 -2.85 12.57 -13.53
CA LEU B 15 -1.66 11.78 -13.87
C LEU B 15 -1.01 12.23 -15.19
N PRO B 16 0.30 12.01 -15.38
CA PRO B 16 0.91 12.60 -16.57
C PRO B 16 0.32 12.07 -17.89
N ASP B 17 -0.04 12.98 -18.79
CA ASP B 17 -0.67 12.50 -20.02
C ASP B 17 0.40 12.08 -21.02
N VAL B 18 0.76 10.80 -21.02
CA VAL B 18 1.85 10.39 -21.87
C VAL B 18 1.40 9.43 -22.96
N ALA B 19 0.13 9.02 -22.94
CA ALA B 19 -0.30 8.05 -23.93
C ALA B 19 -1.71 8.35 -24.39
N SER B 20 -2.05 7.90 -25.59
CA SER B 20 -3.39 8.26 -26.03
C SER B 20 -4.45 7.38 -25.41
N HIS B 21 -4.08 6.17 -24.98
CA HIS B 21 -5.07 5.27 -24.36
C HIS B 21 -4.45 4.63 -23.12
N TYR B 22 -5.25 4.42 -22.07
CA TYR B 22 -4.75 3.75 -20.87
C TYR B 22 -5.63 2.55 -20.63
N PRO B 23 -5.03 1.42 -20.23
CA PRO B 23 -5.85 0.23 -19.98
C PRO B 23 -6.93 0.45 -18.92
N VAL B 24 -6.72 1.27 -17.89
CA VAL B 24 -7.81 1.33 -16.90
C VAL B 24 -8.16 2.79 -16.68
N ALA B 25 -9.43 3.20 -16.78
CA ALA B 25 -9.74 4.63 -16.52
C ALA B 25 -9.47 5.03 -15.08
N TYR B 26 -9.12 6.29 -14.86
CA TYR B 26 -8.82 6.79 -13.52
C TYR B 26 -9.86 6.40 -12.48
N GLU B 27 -11.13 6.67 -12.79
CA GLU B 27 -12.16 6.48 -11.81
C GLU B 27 -12.26 5.01 -11.43
N GLN B 28 -11.86 4.05 -12.26
CA GLN B 28 -12.00 2.65 -11.86
C GLN B 28 -10.72 2.12 -11.17
N THR B 29 -9.62 2.84 -11.27
CA THR B 29 -8.37 2.37 -10.66
C THR B 29 -8.40 2.46 -9.15
N LEU B 30 -7.40 1.87 -8.51
CA LEU B 30 -7.36 1.94 -7.06
C LEU B 30 -7.24 3.42 -6.76
N ASP B 31 -6.46 4.12 -7.56
CA ASP B 31 -6.17 5.52 -7.25
C ASP B 31 -7.40 6.40 -7.31
N GLY B 32 -8.20 6.13 -8.33
CA GLY B 32 -9.47 6.84 -8.44
C GLY B 32 -10.50 6.47 -7.39
N THR B 33 -10.57 5.20 -7.04
CA THR B 33 -11.47 4.75 -6.00
C THR B 33 -11.21 5.42 -4.65
N VAL B 34 -9.93 5.63 -4.27
CA VAL B 34 -9.64 6.23 -2.98
C VAL B 34 -9.48 7.74 -3.13
N GLY B 35 -9.29 8.21 -4.36
CA GLY B 35 -9.20 9.68 -4.51
C GLY B 35 -7.88 10.41 -4.56
N PHE B 36 -6.81 9.71 -4.98
CA PHE B 36 -5.51 10.34 -5.18
C PHE B 36 -5.48 11.35 -6.31
N VAL B 37 -4.93 12.53 -6.07
CA VAL B 37 -4.84 13.55 -7.11
C VAL B 37 -3.42 14.13 -7.11
N ILE B 38 -2.75 14.17 -8.27
CA ILE B 38 -1.45 14.79 -8.36
C ILE B 38 -1.59 16.30 -8.48
N ASP B 39 -0.78 17.06 -7.76
CA ASP B 39 -0.82 18.53 -7.85
C ASP B 39 0.32 18.98 -8.73
N GLU B 40 1.55 19.01 -8.22
CA GLU B 40 2.71 19.43 -9.00
C GLU B 40 3.47 18.21 -9.53
N MET B 41 4.03 18.30 -10.73
CA MET B 41 4.98 17.28 -11.20
C MET B 41 6.08 17.93 -12.02
N THR B 42 7.32 17.79 -11.59
CA THR B 42 8.48 18.10 -12.39
C THR B 42 9.44 16.90 -12.36
N PRO B 43 10.50 16.92 -13.18
CA PRO B 43 11.37 15.75 -13.17
C PRO B 43 12.00 15.50 -11.81
N GLU B 44 12.19 16.54 -11.01
CA GLU B 44 12.89 16.37 -9.73
C GLU B 44 12.00 16.31 -8.48
N ARG B 45 10.72 16.66 -8.63
CA ARG B 45 9.87 16.80 -7.44
C ARG B 45 8.41 16.73 -7.84
N ALA B 46 7.57 15.99 -7.11
CA ALA B 46 6.15 15.90 -7.42
C ALA B 46 5.37 15.90 -6.11
N THR B 47 4.09 16.27 -6.20
CA THR B 47 3.25 16.31 -4.99
C THR B 47 1.90 15.76 -5.38
N ALA B 48 1.25 15.18 -4.37
CA ALA B 48 -0.10 14.66 -4.53
C ALA B 48 -0.83 14.64 -3.18
N SER B 49 -2.14 14.48 -3.23
CA SER B 49 -2.90 14.47 -1.99
C SER B 49 -4.20 13.67 -2.13
N VAL B 50 -4.79 13.37 -0.98
CA VAL B 50 -6.04 12.67 -0.91
C VAL B 50 -6.84 13.13 0.29
N GLU B 51 -8.17 13.20 0.16
CA GLU B 51 -9.02 13.44 1.34
C GLU B 51 -9.17 12.14 2.11
N VAL B 52 -9.09 12.17 3.44
CA VAL B 52 -9.45 10.97 4.16
C VAL B 52 -10.95 10.65 4.07
N THR B 53 -11.32 9.42 3.73
CA THR B 53 -12.70 8.98 3.78
C THR B 53 -12.59 7.55 4.30
N ASP B 54 -13.71 6.89 4.58
CA ASP B 54 -13.59 5.53 5.11
C ASP B 54 -12.90 4.57 4.14
N THR B 55 -13.02 4.86 2.85
CA THR B 55 -12.40 4.07 1.78
C THR B 55 -10.87 4.01 1.96
N LEU B 56 -10.31 5.03 2.61
CA LEU B 56 -8.87 5.14 2.89
C LEU B 56 -8.49 4.56 4.24
N ARG B 57 -9.47 4.08 5.02
CA ARG B 57 -9.27 3.72 6.43
C ARG B 57 -9.23 2.20 6.62
N GLN B 58 -8.66 1.76 7.74
CA GLN B 58 -8.83 0.38 8.20
C GLN B 58 -9.95 0.38 9.25
N ARG B 59 -10.32 -0.80 9.75
CA ARG B 59 -11.54 -0.90 10.53
C ARG B 59 -11.46 -0.20 11.88
N TRP B 60 -10.25 0.15 12.30
CA TRP B 60 -10.03 0.91 13.52
C TRP B 60 -10.13 2.44 13.35
N GLY B 61 -10.44 2.92 12.15
CA GLY B 61 -10.76 4.33 11.93
C GLY B 61 -9.55 5.19 11.56
N LEU B 62 -8.40 4.54 11.36
CA LEU B 62 -7.17 5.28 11.04
C LEU B 62 -6.92 5.06 9.54
N VAL B 63 -6.21 5.99 8.91
CA VAL B 63 -5.71 5.72 7.54
C VAL B 63 -4.91 4.43 7.43
N HIS B 64 -5.30 3.58 6.47
CA HIS B 64 -4.74 2.25 6.23
C HIS B 64 -3.23 2.42 5.93
N GLY B 65 -2.42 1.56 6.54
CA GLY B 65 -0.99 1.47 6.15
C GLY B 65 -0.77 1.43 4.63
N GLY B 66 -1.57 0.61 3.96
CA GLY B 66 -1.46 0.51 2.51
C GLY B 66 -1.81 1.79 1.75
N ALA B 67 -2.52 2.71 2.38
CA ALA B 67 -2.95 3.93 1.69
C ALA B 67 -1.71 4.80 1.56
N TYR B 68 -0.90 4.89 2.62
CA TYR B 68 0.33 5.76 2.51
C TYR B 68 1.25 5.12 1.47
N CYS B 69 1.30 3.78 1.41
CA CYS B 69 2.24 3.11 0.51
C CYS B 69 1.76 3.37 -0.92
N ALA B 70 0.45 3.35 -1.15
CA ALA B 70 -0.11 3.37 -2.50
C ALA B 70 0.08 4.80 -3.04
N LEU B 71 -0.07 5.75 -2.15
CA LEU B 71 0.13 7.17 -2.55
C LEU B 71 1.57 7.45 -2.98
N ALA B 72 2.49 7.07 -2.11
CA ALA B 72 3.90 7.16 -2.40
C ALA B 72 4.22 6.42 -3.68
N ASP B 73 3.71 5.19 -3.83
CA ASP B 73 4.02 4.39 -4.99
C ASP B 73 3.56 5.03 -6.34
N MET B 74 2.31 5.50 -6.42
CA MET B 74 1.76 6.04 -7.66
C MET B 74 2.51 7.37 -7.92
N LEU B 75 2.81 8.09 -6.86
CA LEU B 75 3.43 9.44 -7.09
C LEU B 75 4.84 9.29 -7.68
N ALA B 76 5.68 8.54 -6.97
CA ALA B 76 7.03 8.25 -7.40
C ALA B 76 7.04 7.55 -8.75
N THR B 77 6.24 6.48 -8.91
CA THR B 77 6.23 5.85 -10.20
C THR B 77 5.84 6.81 -11.35
N GLU B 78 4.73 7.51 -11.21
CA GLU B 78 4.21 8.28 -12.36
C GLU B 78 5.10 9.52 -12.53
N ALA B 79 5.78 9.95 -11.49
CA ALA B 79 6.73 11.07 -11.74
C ALA B 79 7.92 10.57 -12.58
N THR B 80 8.17 9.27 -12.54
CA THR B 80 9.24 8.72 -13.38
C THR B 80 8.71 8.52 -14.81
N VAL B 81 7.54 7.92 -14.93
CA VAL B 81 6.85 7.77 -16.23
C VAL B 81 6.83 9.12 -16.94
N ALA B 82 6.52 10.18 -16.20
CA ALA B 82 6.40 11.52 -16.79
C ALA B 82 7.64 11.83 -17.64
N VAL B 83 8.83 11.42 -17.19
CA VAL B 83 10.07 11.72 -17.91
C VAL B 83 10.43 10.65 -18.94
N VAL B 84 10.26 9.38 -18.52
CA VAL B 84 10.86 8.32 -19.30
C VAL B 84 9.97 7.68 -20.37
N HIS B 85 8.66 7.89 -20.30
CA HIS B 85 7.79 7.20 -21.23
C HIS B 85 8.07 7.61 -22.66
N GLU B 86 8.22 8.92 -22.86
CA GLU B 86 8.43 9.45 -24.21
C GLU B 86 9.83 9.09 -24.69
N LYS B 87 10.68 8.57 -23.81
CA LYS B 87 11.96 8.04 -24.23
C LYS B 87 11.91 6.55 -24.50
N GLY B 88 10.73 5.96 -24.64
CA GLY B 88 10.68 4.54 -24.94
C GLY B 88 10.88 3.58 -23.77
N MET B 89 10.78 4.08 -22.54
CA MET B 89 11.04 3.28 -21.33
C MET B 89 9.78 2.99 -20.53
N MET B 90 9.76 1.85 -19.86
CA MET B 90 8.66 1.61 -18.95
C MET B 90 9.27 1.78 -17.56
N ALA B 91 8.48 2.32 -16.63
CA ALA B 91 8.91 2.51 -15.25
C ALA B 91 7.90 1.83 -14.34
N VAL B 92 8.40 1.11 -13.35
CA VAL B 92 7.52 0.44 -12.41
C VAL B 92 8.27 0.27 -11.07
N GLY B 93 7.53 0.40 -9.96
CA GLY B 93 8.12 0.21 -8.64
C GLY B 93 8.83 -1.11 -8.46
N GLN B 94 10.07 -1.12 -7.97
CA GLN B 94 10.65 -2.42 -7.60
C GLN B 94 10.78 -2.58 -6.09
N SER B 95 10.82 -1.48 -5.33
CA SER B 95 10.77 -1.58 -3.86
C SER B 95 10.04 -0.38 -3.30
N ASN B 96 9.25 -0.64 -2.26
CA ASN B 96 8.55 0.42 -1.56
C ASN B 96 8.81 0.16 -0.07
N HIS B 97 9.60 1.02 0.56
CA HIS B 97 9.79 0.90 1.99
C HIS B 97 9.11 2.00 2.75
N THR B 98 7.97 1.72 3.37
CA THR B 98 7.27 2.80 4.05
C THR B 98 7.43 2.66 5.57
N SER B 99 7.74 3.75 6.27
CA SER B 99 7.78 3.70 7.73
C SER B 99 6.79 4.70 8.32
N PHE B 100 6.14 4.32 9.43
CA PHE B 100 4.97 5.04 9.97
C PHE B 100 5.26 5.68 11.34
N PHE B 101 5.21 7.00 11.40
CA PHE B 101 5.59 7.73 12.60
C PHE B 101 4.38 8.23 13.42
N ARG B 102 3.27 8.54 12.75
CA ARG B 102 2.11 9.08 13.47
C ARG B 102 0.90 8.79 12.61
N PRO B 103 -0.20 8.38 13.27
CA PRO B 103 -1.35 8.02 12.47
C PRO B 103 -2.14 9.27 12.04
N VAL B 104 -3.06 9.03 11.11
CA VAL B 104 -4.01 10.04 10.65
C VAL B 104 -5.38 9.43 10.85
N LYS B 105 -6.25 10.13 11.59
CA LYS B 105 -7.66 9.71 11.67
C LYS B 105 -8.58 10.37 10.64
N GLU B 106 -8.32 11.61 10.22
CA GLU B 106 -9.27 12.26 9.33
C GLU B 106 -8.54 13.45 8.71
N GLY B 107 -9.10 14.10 7.72
CA GLY B 107 -8.48 15.31 7.12
C GLY B 107 -7.99 14.90 5.72
N HIS B 108 -6.68 15.03 5.51
CA HIS B 108 -6.03 14.77 4.21
C HIS B 108 -4.71 14.04 4.49
N VAL B 109 -4.14 13.42 3.47
CA VAL B 109 -2.73 13.04 3.49
C VAL B 109 -2.12 13.70 2.26
N ARG B 110 -1.00 14.40 2.47
CA ARG B 110 -0.34 15.12 1.39
C ARG B 110 1.07 14.52 1.22
N ALA B 111 1.42 14.17 -0.02
CA ALA B 111 2.71 13.52 -0.27
C ALA B 111 3.59 14.46 -1.07
N GLU B 112 4.88 14.46 -0.76
CA GLU B 112 5.85 15.16 -1.60
C GLU B 112 7.00 14.20 -1.89
N ALA B 113 7.23 13.93 -3.17
CA ALA B 113 8.28 13.03 -3.64
C ALA B 113 9.42 13.90 -4.13
N VAL B 114 10.60 13.70 -3.54
CA VAL B 114 11.85 14.32 -3.96
C VAL B 114 12.78 13.30 -4.60
N ARG B 115 13.05 13.49 -5.88
CA ARG B 115 13.99 12.61 -6.57
C ARG B 115 15.40 12.73 -6.02
N ILE B 116 16.01 11.61 -5.65
CA ILE B 116 17.38 11.70 -5.11
C ILE B 116 18.45 11.01 -5.96
N HIS B 117 18.00 10.08 -6.79
CA HIS B 117 18.87 9.44 -7.77
C HIS B 117 18.13 9.13 -9.07
N ALA B 118 18.79 9.39 -10.20
CA ALA B 118 18.15 9.14 -11.49
C ALA B 118 19.14 8.31 -12.32
N GLY B 119 19.13 6.99 -12.21
CA GLY B 119 20.17 6.28 -12.94
C GLY B 119 19.57 5.63 -14.18
N SER B 120 20.36 4.89 -14.95
CA SER B 120 19.84 4.45 -16.24
C SER B 120 18.79 3.40 -16.00
N THR B 121 18.89 2.68 -14.88
CA THR B 121 17.96 1.55 -14.68
C THR B 121 17.11 1.63 -13.43
N THR B 122 17.42 2.61 -12.58
CA THR B 122 16.71 2.84 -11.31
C THR B 122 16.63 4.31 -10.96
N TRP B 123 15.45 4.82 -10.62
CA TRP B 123 15.30 6.16 -10.10
C TRP B 123 14.79 5.94 -8.68
N PHE B 124 15.25 6.79 -7.78
CA PHE B 124 14.89 6.70 -6.37
C PHE B 124 14.34 8.04 -5.86
N TRP B 125 13.22 7.89 -5.15
CA TRP B 125 12.43 9.02 -4.65
C TRP B 125 12.21 8.91 -3.15
N ASP B 126 12.50 9.99 -2.43
CA ASP B 126 12.13 10.09 -1.02
C ASP B 126 10.76 10.76 -0.91
N VAL B 127 9.79 10.05 -0.34
CA VAL B 127 8.42 10.59 -0.30
C VAL B 127 8.06 10.85 1.15
N SER B 128 7.62 12.08 1.45
CA SER B 128 7.10 12.45 2.75
C SER B 128 5.57 12.54 2.78
N LEU B 129 4.93 11.98 3.81
CA LEU B 129 3.47 11.97 3.88
C LEU B 129 3.08 12.72 5.15
N ARG B 130 2.38 13.86 4.95
CA ARG B 130 2.08 14.79 6.05
C ARG B 130 0.57 14.93 6.27
N ASP B 131 0.18 15.21 7.52
CA ASP B 131 -1.21 15.47 7.85
C ASP B 131 -1.59 16.95 7.67
N ASP B 132 -2.85 17.30 8.01
CA ASP B 132 -3.34 18.66 7.77
C ASP B 132 -2.62 19.71 8.61
N ALA B 133 -2.01 19.31 9.72
CA ALA B 133 -1.16 20.19 10.52
C ALA B 133 0.27 20.27 10.03
N GLY B 134 0.62 19.60 8.93
CA GLY B 134 2.00 19.59 8.41
C GLY B 134 2.95 18.58 9.03
N ARG B 135 2.44 17.74 9.92
CA ARG B 135 3.28 16.85 10.69
C ARG B 135 3.69 15.67 9.83
N LEU B 136 4.91 15.15 10.02
CA LEU B 136 5.38 14.04 9.22
C LEU B 136 4.81 12.73 9.78
N CYS B 137 3.90 12.12 9.05
CA CYS B 137 3.17 10.95 9.54
C CYS B 137 3.81 9.68 9.04
N ALA B 138 4.35 9.74 7.83
CA ALA B 138 5.07 8.59 7.31
C ALA B 138 6.06 8.96 6.21
N VAL B 139 6.98 8.04 5.89
CA VAL B 139 7.92 8.26 4.78
C VAL B 139 8.00 7.02 3.94
N SER B 140 8.30 7.18 2.65
CA SER B 140 8.39 6.03 1.76
C SER B 140 9.63 6.24 0.89
N SER B 141 10.52 5.26 0.92
CA SER B 141 11.63 5.20 -0.01
C SER B 141 11.22 4.39 -1.22
N MET B 142 11.05 5.06 -2.34
CA MET B 142 10.52 4.41 -3.55
C MET B 142 11.67 4.16 -4.52
N SER B 143 11.86 2.90 -4.89
CA SER B 143 12.84 2.52 -5.89
C SER B 143 12.12 2.12 -7.16
N ILE B 144 12.40 2.86 -8.23
CA ILE B 144 11.62 2.69 -9.47
C ILE B 144 12.51 2.10 -10.59
N ALA B 145 12.18 0.89 -11.03
CA ALA B 145 12.95 0.25 -12.11
C ALA B 145 12.61 0.91 -13.43
N VAL B 146 13.63 1.11 -14.26
CA VAL B 146 13.45 1.70 -15.58
C VAL B 146 14.02 0.74 -16.63
N ARG B 147 13.17 0.27 -17.56
CA ARG B 147 13.53 -0.73 -18.55
C ARG B 147 12.98 -0.35 -19.92
N PRO B 148 13.63 -0.82 -21.01
CA PRO B 148 13.11 -0.52 -22.34
C PRO B 148 11.71 -1.09 -22.46
N ARG B 149 10.77 -0.30 -23.00
CA ARG B 149 9.40 -0.76 -23.22
C ARG B 149 9.36 -1.98 -24.16
N ARG B 150 8.60 -3.00 -23.81
CA ARG B 150 8.57 -4.17 -24.66
C ARG B 150 7.63 -3.76 -25.79
N ASP B 151 8.20 -3.49 -26.96
CA ASP B 151 7.39 -3.26 -28.17
C ASP B 151 5.98 -3.81 -27.90
#